data_4NBV
#
_entry.id   4NBV
#
_cell.length_a   111.763
_cell.length_b   111.763
_cell.length_c   79.198
_cell.angle_alpha   90.00
_cell.angle_beta   90.00
_cell.angle_gamma   90.00
#
_symmetry.space_group_name_H-M   'P 43 21 2'
#
loop_
_entity.id
_entity.type
_entity.pdbx_description
1 polymer '3-oxoacyl-[acyl-carrier-protein] reductase putative short-chain dehydrogenases/reductases (SDR) family protein'
2 non-polymer 2-[3-(2-HYDROXY-1,1-DIHYDROXYMETHYL-ETHYLAMINO)-PROPYLAMINO]-2-HYDROXYMETHYL-PROPANE-1,3-DIOL
3 water water
#
_entity_poly.entity_id   1
_entity_poly.type   'polypeptide(L)'
_entity_poly.pdbx_seq_one_letter_code
;MKLQGRVAIITGAAAGIGFATAQRFAEDGAIVVLCDVQEARVREAAARLAATGATVSAYRVDVTRRDEVDAMVAAVLAAH
QRVDILVNNAGITKDARLAKMTEAQFDAVIDVNLKGVFNCAQAVAGLMTEQGKGVILNASSVVGLYGNFGQTNYAASKFG
VIGFTKTWARELGPKGVRVNAVCPGFVNTEILQTVPDKVLDGMTSSCWLRRLAEPAEIASIYAFLASDDASYVNGVAIEA
SGGMSL
;
_entity_poly.pdbx_strand_id   A,B
#
# COMPACT_ATOMS: atom_id res chain seq x y z
N MET A 1 -0.31 15.82 10.16
CA MET A 1 -1.62 15.45 10.80
C MET A 1 -2.64 15.10 9.71
N LYS A 2 -2.38 13.98 9.03
CA LYS A 2 -3.12 13.66 7.82
C LYS A 2 -4.55 13.18 8.05
N LEU A 3 -4.93 12.91 9.30
CA LEU A 3 -6.30 12.52 9.61
C LEU A 3 -6.99 13.52 10.53
N GLN A 4 -6.50 14.76 10.54
CA GLN A 4 -6.98 15.75 11.52
C GLN A 4 -8.50 15.92 11.48
N GLY A 5 -9.13 15.66 12.61
CA GLY A 5 -10.56 15.87 12.78
C GLY A 5 -11.44 14.80 12.16
N ARG A 6 -10.83 13.80 11.54
CA ARG A 6 -11.62 12.73 10.90
C ARG A 6 -12.01 11.72 11.97
N VAL A 7 -13.24 11.24 11.88
CA VAL A 7 -13.79 10.32 12.87
C VAL A 7 -13.60 8.88 12.43
N ALA A 8 -12.84 8.12 13.22
CA ALA A 8 -12.50 6.73 12.89
C ALA A 8 -13.03 5.76 13.94
N ILE A 9 -13.81 4.80 13.47
CA ILE A 9 -14.27 3.69 14.30
C ILE A 9 -13.36 2.49 14.07
N ILE A 10 -12.78 1.99 15.14
CA ILE A 10 -11.89 0.83 15.06
C ILE A 10 -12.45 -0.30 15.93
N THR A 11 -12.70 -1.46 15.34
CA THR A 11 -13.15 -2.61 16.11
C THR A 11 -11.96 -3.48 16.54
N GLY A 12 -12.12 -4.21 17.64
CA GLY A 12 -10.99 -4.93 18.19
C GLY A 12 -9.87 -4.03 18.66
N ALA A 13 -10.22 -2.87 19.21
CA ALA A 13 -9.25 -1.84 19.53
C ALA A 13 -8.66 -1.91 20.93
N ALA A 14 -9.04 -2.87 21.77
CA ALA A 14 -8.50 -2.92 23.13
C ALA A 14 -7.02 -3.25 23.18
N ALA A 15 -6.52 -3.97 22.18
CA ALA A 15 -5.14 -4.44 22.21
C ALA A 15 -4.69 -4.82 20.81
N GLY A 16 -3.46 -5.28 20.69
CA GLY A 16 -2.96 -5.79 19.41
C GLY A 16 -2.92 -4.75 18.32
N ILE A 17 -3.18 -5.18 17.09
CA ILE A 17 -3.13 -4.28 15.96
C ILE A 17 -4.19 -3.19 16.10
N GLY A 18 -5.35 -3.55 16.63
CA GLY A 18 -6.44 -2.59 16.77
C GLY A 18 -6.02 -1.42 17.64
N PHE A 19 -5.43 -1.71 18.81
CA PHE A 19 -4.99 -0.62 19.66
C PHE A 19 -3.87 0.19 19.00
N ALA A 20 -2.92 -0.48 18.36
CA ALA A 20 -1.83 0.25 17.69
C ALA A 20 -2.37 1.17 16.63
N THR A 21 -3.43 0.72 15.95
CA THR A 21 -4.06 1.53 14.91
C THR A 21 -4.78 2.73 15.52
N ALA A 22 -5.48 2.53 16.63
CA ALA A 22 -6.09 3.64 17.32
C ALA A 22 -5.03 4.67 17.74
N GLN A 23 -3.92 4.18 18.26
CA GLN A 23 -2.83 5.04 18.70
C GLN A 23 -2.28 5.86 17.53
N ARG A 24 -1.98 5.19 16.43
CA ARG A 24 -1.45 5.87 15.26
C ARG A 24 -2.46 6.87 14.70
N PHE A 25 -3.74 6.48 14.59
CA PHE A 25 -4.74 7.39 14.06
C PHE A 25 -4.83 8.65 14.93
N ALA A 26 -4.76 8.49 16.25
CA ALA A 26 -4.82 9.64 17.15
C ALA A 26 -3.58 10.51 16.91
N GLU A 27 -2.43 9.88 16.73
CA GLU A 27 -1.17 10.60 16.47
C GLU A 27 -1.30 11.42 15.20
N ASP A 28 -2.08 10.92 14.24
CA ASP A 28 -2.34 11.61 12.98
C ASP A 28 -3.52 12.58 13.05
N GLY A 29 -4.07 12.79 14.24
CA GLY A 29 -5.10 13.78 14.46
C GLY A 29 -6.55 13.34 14.40
N ALA A 30 -6.77 12.04 14.22
CA ALA A 30 -8.12 11.51 14.15
C ALA A 30 -8.81 11.52 15.50
N ILE A 31 -10.13 11.67 15.45
CA ILE A 31 -11.02 11.39 16.56
C ILE A 31 -11.25 9.90 16.52
N VAL A 32 -10.92 9.17 17.58
CA VAL A 32 -10.94 7.71 17.51
C VAL A 32 -11.98 7.12 18.43
N VAL A 33 -12.78 6.24 17.86
CA VAL A 33 -13.76 5.50 18.59
C VAL A 33 -13.26 4.05 18.72
N LEU A 34 -12.86 3.69 19.92
CA LEU A 34 -12.33 2.37 20.18
C LEU A 34 -13.44 1.43 20.61
N CYS A 35 -13.62 0.34 19.86
CA CYS A 35 -14.69 -0.63 20.11
C CYS A 35 -14.07 -1.97 20.39
N ASP A 36 -14.62 -2.71 21.35
CA ASP A 36 -14.10 -4.06 21.62
C ASP A 36 -15.14 -4.87 22.40
N VAL A 37 -15.03 -6.19 22.38
CA VAL A 37 -15.87 -7.02 23.24
C VAL A 37 -15.42 -6.95 24.69
N GLN A 38 -14.18 -6.52 24.91
CA GLN A 38 -13.61 -6.40 26.25
C GLN A 38 -13.76 -4.94 26.69
N GLU A 39 -14.85 -4.64 27.40
CA GLU A 39 -15.18 -3.23 27.69
C GLU A 39 -14.22 -2.54 28.65
N ALA A 40 -13.88 -3.19 29.75
CA ALA A 40 -12.98 -2.58 30.72
C ALA A 40 -11.65 -2.31 30.05
N ARG A 41 -11.19 -3.28 29.28
CA ARG A 41 -9.89 -3.15 28.65
C ARG A 41 -9.87 -2.06 27.59
N VAL A 42 -10.94 -1.94 26.81
CA VAL A 42 -10.94 -0.92 25.77
C VAL A 42 -11.15 0.47 26.39
N ARG A 43 -11.83 0.55 27.52
CA ARG A 43 -11.93 1.80 28.26
C ARG A 43 -10.56 2.26 28.77
N GLU A 44 -9.80 1.33 29.31
CA GLU A 44 -8.44 1.63 29.79
C GLU A 44 -7.54 2.02 28.61
N ALA A 45 -7.70 1.35 27.48
CA ALA A 45 -6.93 1.70 26.29
C ALA A 45 -7.24 3.13 25.84
N ALA A 46 -8.52 3.48 25.78
CA ALA A 46 -8.92 4.83 25.39
C ALA A 46 -8.34 5.85 26.38
N ALA A 47 -8.39 5.53 27.66
CA ALA A 47 -7.85 6.44 28.67
C ALA A 47 -6.36 6.73 28.44
N ARG A 48 -5.59 5.71 28.05
CA ARG A 48 -4.17 5.93 27.76
C ARG A 48 -4.01 6.92 26.61
N LEU A 49 -4.85 6.81 25.59
CA LEU A 49 -4.76 7.74 24.46
C LEU A 49 -5.24 9.15 24.82
N ALA A 50 -6.29 9.25 25.63
CA ALA A 50 -6.81 10.54 26.06
C ALA A 50 -5.74 11.29 26.86
N ALA A 51 -4.91 10.53 27.57
CA ALA A 51 -3.86 11.14 28.39
C ALA A 51 -2.81 11.84 27.51
N THR A 52 -2.76 11.47 26.23
CA THR A 52 -1.83 12.08 25.28
C THR A 52 -2.44 13.31 24.62
N GLY A 53 -3.70 13.58 24.92
CA GLY A 53 -4.42 14.72 24.37
C GLY A 53 -5.38 14.37 23.25
N ALA A 54 -5.49 13.09 22.94
CA ALA A 54 -6.39 12.65 21.86
C ALA A 54 -7.86 12.75 22.26
N THR A 55 -8.72 12.95 21.28
CA THR A 55 -10.17 12.89 21.44
C THR A 55 -10.63 11.47 21.14
N VAL A 56 -11.04 10.76 22.19
CA VAL A 56 -11.38 9.33 22.06
C VAL A 56 -12.65 8.96 22.80
N SER A 57 -13.18 7.80 22.45
CA SER A 57 -14.32 7.24 23.18
C SER A 57 -14.17 5.73 23.09
N ALA A 58 -14.92 5.04 23.95
CA ALA A 58 -14.76 3.60 24.16
C ALA A 58 -16.12 2.92 24.31
N TYR A 59 -16.38 1.94 23.47
CA TYR A 59 -17.65 1.21 23.45
C TYR A 59 -17.45 -0.29 23.47
N ARG A 60 -18.29 -0.98 24.24
CA ARG A 60 -18.43 -2.42 24.10
C ARG A 60 -19.25 -2.71 22.85
N VAL A 61 -18.64 -3.43 21.93
CA VAL A 61 -19.35 -3.86 20.72
C VAL A 61 -18.99 -5.29 20.39
N ASP A 62 -20.01 -6.14 20.38
CA ASP A 62 -19.92 -7.48 19.84
C ASP A 62 -20.41 -7.36 18.42
N VAL A 63 -19.50 -7.45 17.46
CA VAL A 63 -19.84 -7.16 16.08
C VAL A 63 -20.82 -8.13 15.49
N THR A 64 -21.03 -9.28 16.15
CA THR A 64 -22.06 -10.24 15.70
C THR A 64 -23.48 -9.82 16.09
N ARG A 65 -23.61 -8.74 16.86
CA ARG A 65 -24.90 -8.24 17.31
C ARG A 65 -25.18 -6.89 16.65
N ARG A 66 -26.01 -6.90 15.60
CA ARG A 66 -26.17 -5.70 14.81
C ARG A 66 -26.79 -4.58 15.61
N ASP A 67 -27.64 -4.88 16.59
CA ASP A 67 -28.23 -3.79 17.36
C ASP A 67 -27.15 -3.04 18.15
N GLU A 68 -26.13 -3.77 18.61
CA GLU A 68 -25.02 -3.12 19.33
C GLU A 68 -24.17 -2.28 18.40
N VAL A 69 -23.89 -2.81 17.21
CA VAL A 69 -23.18 -2.03 16.21
C VAL A 69 -23.93 -0.75 15.88
N ASP A 70 -25.21 -0.86 15.58
CA ASP A 70 -26.03 0.30 15.21
C ASP A 70 -26.09 1.35 16.32
N ALA A 71 -26.21 0.88 17.56
CA ALA A 71 -26.30 1.79 18.70
C ALA A 71 -25.00 2.57 18.84
N MET A 72 -23.87 1.90 18.63
CA MET A 72 -22.57 2.57 18.72
C MET A 72 -22.45 3.61 17.61
N VAL A 73 -22.84 3.25 16.39
CA VAL A 73 -22.75 4.19 15.27
C VAL A 73 -23.63 5.42 15.55
N ALA A 74 -24.83 5.20 16.06
CA ALA A 74 -25.72 6.32 16.41
C ALA A 74 -25.09 7.23 17.47
N ALA A 75 -24.45 6.64 18.47
CA ALA A 75 -23.79 7.42 19.51
C ALA A 75 -22.63 8.22 18.96
N VAL A 76 -21.88 7.65 18.03
CA VAL A 76 -20.75 8.36 17.44
C VAL A 76 -21.26 9.55 16.65
N LEU A 77 -22.35 9.36 15.91
CA LEU A 77 -22.92 10.47 15.16
C LEU A 77 -23.40 11.59 16.07
N ALA A 78 -24.01 11.23 17.18
CA ALA A 78 -24.52 12.21 18.14
C ALA A 78 -23.37 13.03 18.73
N ALA A 79 -22.26 12.37 18.99
CA ALA A 79 -21.10 12.99 19.61
C ALA A 79 -20.22 13.78 18.62
N HIS A 80 -20.06 13.28 17.40
CA HIS A 80 -19.03 13.80 16.49
C HIS A 80 -19.54 14.17 15.10
N GLN A 81 -20.84 14.01 14.89
CA GLN A 81 -21.56 14.49 13.71
C GLN A 81 -21.32 13.71 12.42
N ARG A 82 -20.24 12.93 12.33
CA ARG A 82 -20.02 12.12 11.14
C ARG A 82 -19.09 10.94 11.40
N VAL A 83 -19.02 10.05 10.42
CA VAL A 83 -18.11 8.90 10.45
C VAL A 83 -17.30 8.94 9.16
N ASP A 84 -15.99 8.99 9.28
CA ASP A 84 -15.11 9.14 8.12
C ASP A 84 -14.36 7.86 7.74
N ILE A 85 -14.02 7.06 8.76
CA ILE A 85 -13.17 5.88 8.61
C ILE A 85 -13.73 4.74 9.45
N LEU A 86 -13.75 3.53 8.87
CA LEU A 86 -14.02 2.31 9.63
C LEU A 86 -12.89 1.34 9.42
N VAL A 87 -12.34 0.85 10.52
CA VAL A 87 -11.35 -0.21 10.50
C VAL A 87 -11.97 -1.46 11.12
N ASN A 88 -12.25 -2.43 10.26
CA ASN A 88 -12.83 -3.71 10.65
C ASN A 88 -11.75 -4.68 11.06
N ASN A 89 -11.28 -4.55 12.29
CA ASN A 89 -10.13 -5.32 12.75
C ASN A 89 -10.48 -6.45 13.70
N ALA A 90 -11.66 -6.43 14.32
CA ALA A 90 -12.07 -7.50 15.23
C ALA A 90 -12.08 -8.83 14.48
N GLY A 91 -11.44 -9.84 15.05
CA GLY A 91 -11.49 -11.16 14.48
C GLY A 91 -11.07 -12.17 15.52
N ILE A 92 -11.42 -13.42 15.27
CA ILE A 92 -11.01 -14.50 16.16
C ILE A 92 -10.50 -15.69 15.34
N THR A 93 -9.75 -16.57 16.00
CA THR A 93 -9.38 -17.88 15.47
C THR A 93 -9.96 -18.95 16.37
N LYS A 94 -10.34 -20.08 15.77
CA LYS A 94 -10.72 -21.28 16.51
C LYS A 94 -10.15 -22.42 15.67
N ASP A 95 -8.84 -22.63 15.81
CA ASP A 95 -8.08 -23.51 14.91
C ASP A 95 -8.34 -24.98 15.17
N ALA A 96 -8.41 -25.74 14.09
CA ALA A 96 -8.51 -27.20 14.15
C ALA A 96 -8.30 -27.73 12.75
N ARG A 97 -7.71 -28.91 12.65
CA ARG A 97 -7.64 -29.63 11.38
C ARG A 97 -9.08 -29.89 10.91
N LEU A 98 -9.28 -29.96 9.60
CA LEU A 98 -10.60 -30.26 9.06
C LEU A 98 -11.23 -31.47 9.74
N ALA A 99 -10.41 -32.50 9.95
CA ALA A 99 -10.86 -33.75 10.56
C ALA A 99 -11.53 -33.54 11.92
N LYS A 100 -11.08 -32.53 12.66
CA LYS A 100 -11.49 -32.35 14.04
C LYS A 100 -12.37 -31.13 14.31
N MET A 101 -12.48 -30.22 13.35
CA MET A 101 -13.18 -28.96 13.60
C MET A 101 -14.64 -29.16 13.95
N THR A 102 -15.05 -28.55 15.05
CA THR A 102 -16.44 -28.65 15.46
C THR A 102 -17.28 -27.60 14.77
N GLU A 103 -18.58 -27.84 14.78
CA GLU A 103 -19.51 -26.87 14.18
C GLU A 103 -19.39 -25.51 14.86
N ALA A 104 -19.27 -25.50 16.18
CA ALA A 104 -19.12 -24.25 16.92
C ALA A 104 -17.84 -23.50 16.55
N GLN A 105 -16.74 -24.22 16.37
CA GLN A 105 -15.49 -23.61 15.96
C GLN A 105 -15.67 -22.96 14.59
N PHE A 106 -16.32 -23.70 13.70
CA PHE A 106 -16.52 -23.17 12.35
C PHE A 106 -17.44 -21.96 12.36
N ASP A 107 -18.63 -22.14 12.94
CA ASP A 107 -19.67 -21.12 12.91
C ASP A 107 -19.20 -19.82 13.58
N ALA A 108 -18.49 -19.94 14.70
CA ALA A 108 -18.11 -18.75 15.45
C ALA A 108 -17.17 -17.84 14.67
N VAL A 109 -16.22 -18.43 13.98
CA VAL A 109 -15.25 -17.67 13.21
C VAL A 109 -15.91 -17.00 12.01
N ILE A 110 -16.79 -17.72 11.32
CA ILE A 110 -17.57 -17.09 10.25
C ILE A 110 -18.42 -15.93 10.79
N ASP A 111 -19.03 -16.11 11.95
CA ASP A 111 -19.88 -15.08 12.55
C ASP A 111 -19.10 -13.82 12.86
N VAL A 112 -18.01 -13.91 13.62
CA VAL A 112 -17.27 -12.70 13.96
C VAL A 112 -16.58 -12.11 12.73
N ASN A 113 -15.91 -12.97 11.97
CA ASN A 113 -14.98 -12.51 10.95
C ASN A 113 -15.63 -12.14 9.62
N LEU A 114 -16.80 -12.71 9.30
CA LEU A 114 -17.52 -12.31 8.09
C LEU A 114 -18.78 -11.53 8.46
N LYS A 115 -19.66 -12.12 9.26
CA LYS A 115 -20.92 -11.42 9.59
C LYS A 115 -20.61 -10.10 10.32
N GLY A 116 -19.63 -10.10 11.24
CA GLY A 116 -19.29 -8.90 11.96
C GLY A 116 -18.79 -7.76 11.08
N VAL A 117 -17.96 -8.13 10.11
CA VAL A 117 -17.43 -7.16 9.16
C VAL A 117 -18.56 -6.59 8.29
N PHE A 118 -19.43 -7.47 7.78
CA PHE A 118 -20.66 -7.06 7.09
C PHE A 118 -21.47 -6.08 7.93
N ASN A 119 -21.69 -6.40 9.20
CA ASN A 119 -22.54 -5.58 10.06
C ASN A 119 -21.99 -4.16 10.18
N CYS A 120 -20.71 -4.04 10.50
CA CYS A 120 -20.10 -2.74 10.68
C CYS A 120 -20.05 -1.93 9.38
N ALA A 121 -19.65 -2.57 8.29
CA ALA A 121 -19.62 -1.87 7.01
C ALA A 121 -21.00 -1.41 6.58
N GLN A 122 -22.00 -2.27 6.70
CA GLN A 122 -23.35 -1.88 6.29
C GLN A 122 -23.86 -0.72 7.16
N ALA A 123 -23.49 -0.75 8.44
CA ALA A 123 -23.94 0.29 9.37
C ALA A 123 -23.38 1.67 9.05
N VAL A 124 -22.20 1.75 8.42
CA VAL A 124 -21.59 3.06 8.16
C VAL A 124 -21.60 3.47 6.69
N ALA A 125 -21.81 2.53 5.77
CA ALA A 125 -21.59 2.82 4.36
C ALA A 125 -22.51 3.94 3.81
N GLY A 126 -23.76 3.96 4.26
CA GLY A 126 -24.72 4.96 3.82
C GLY A 126 -24.37 6.35 4.29
N LEU A 127 -23.83 6.43 5.52
CA LEU A 127 -23.34 7.71 6.04
C LEU A 127 -22.22 8.19 5.13
N MET A 128 -21.34 7.28 4.72
CA MET A 128 -20.19 7.67 3.93
C MET A 128 -20.58 8.07 2.51
N THR A 129 -21.45 7.29 1.87
CA THR A 129 -21.84 7.63 0.51
C THR A 129 -22.68 8.93 0.49
N GLU A 130 -23.48 9.14 1.50
CA GLU A 130 -24.30 10.36 1.57
C GLU A 130 -23.41 11.61 1.66
N GLN A 131 -22.31 11.52 2.38
CA GLN A 131 -21.43 12.67 2.50
C GLN A 131 -20.37 12.74 1.40
N GLY A 132 -20.27 11.70 0.56
CA GLY A 132 -19.40 11.77 -0.61
C GLY A 132 -17.94 11.44 -0.37
N LYS A 133 -17.62 10.94 0.83
CA LYS A 133 -16.26 10.56 1.15
C LYS A 133 -16.27 9.65 2.36
N GLY A 134 -15.43 8.62 2.31
CA GLY A 134 -15.28 7.74 3.45
C GLY A 134 -14.27 6.67 3.05
N VAL A 135 -13.83 5.88 4.02
CA VAL A 135 -12.96 4.76 3.73
C VAL A 135 -13.25 3.63 4.72
N ILE A 136 -13.39 2.43 4.17
CA ILE A 136 -13.58 1.22 4.98
C ILE A 136 -12.37 0.35 4.76
N LEU A 137 -11.73 -0.03 5.87
CA LEU A 137 -10.52 -0.84 5.85
C LEU A 137 -10.79 -2.15 6.56
N ASN A 138 -10.59 -3.24 5.83
CA ASN A 138 -10.90 -4.58 6.35
C ASN A 138 -9.63 -5.33 6.70
N ALA A 139 -9.60 -5.94 7.87
CA ALA A 139 -8.49 -6.80 8.23
C ALA A 139 -8.63 -8.17 7.63
N SER A 140 -7.67 -8.51 6.77
CA SER A 140 -7.53 -9.86 6.24
C SER A 140 -6.31 -10.47 6.91
N SER A 141 -5.56 -11.28 6.17
CA SER A 141 -4.41 -12.03 6.70
C SER A 141 -3.69 -12.62 5.51
N VAL A 142 -2.39 -12.90 5.63
CA VAL A 142 -1.74 -13.74 4.63
C VAL A 142 -2.48 -15.07 4.44
N VAL A 143 -3.18 -15.51 5.48
CA VAL A 143 -3.95 -16.74 5.40
C VAL A 143 -5.11 -16.57 4.39
N GLY A 144 -5.57 -15.32 4.21
CA GLY A 144 -6.58 -14.98 3.22
C GLY A 144 -6.09 -14.89 1.79
N LEU A 145 -4.78 -15.14 1.62
CA LEU A 145 -4.16 -15.21 0.29
C LEU A 145 -3.68 -16.64 -0.05
N TYR A 146 -3.17 -17.35 0.95
CA TYR A 146 -2.48 -18.63 0.73
C TYR A 146 -3.02 -19.84 1.50
N GLY A 147 -4.02 -19.62 2.35
CA GLY A 147 -4.50 -20.67 3.23
C GLY A 147 -3.47 -20.99 4.31
N ASN A 148 -3.81 -21.91 5.19
CA ASN A 148 -2.89 -22.31 6.25
C ASN A 148 -3.42 -23.53 7.00
N PHE A 149 -2.52 -24.46 7.28
CA PHE A 149 -2.82 -25.64 8.07
C PHE A 149 -3.63 -25.32 9.32
N GLY A 150 -4.73 -26.05 9.54
CA GLY A 150 -5.54 -25.92 10.74
C GLY A 150 -6.49 -24.73 10.77
N GLN A 151 -6.65 -24.05 9.64
CA GLN A 151 -7.42 -22.80 9.63
C GLN A 151 -8.49 -22.78 8.55
N THR A 152 -9.19 -23.91 8.41
CA THR A 152 -10.34 -23.99 7.50
C THR A 152 -11.26 -22.79 7.63
N ASN A 153 -11.63 -22.50 8.88
CA ASN A 153 -12.58 -21.43 9.14
C ASN A 153 -11.97 -20.03 9.00
N TYR A 154 -10.80 -19.82 9.59
CA TYR A 154 -10.14 -18.54 9.50
C TYR A 154 -9.78 -18.17 8.07
N ALA A 155 -9.25 -19.14 7.32
CA ALA A 155 -8.86 -18.89 5.94
C ALA A 155 -10.08 -18.53 5.11
N ALA A 156 -11.17 -19.27 5.27
CA ALA A 156 -12.39 -18.93 4.53
C ALA A 156 -12.79 -17.50 4.86
N SER A 157 -12.70 -17.12 6.13
CA SER A 157 -13.17 -15.80 6.54
C SER A 157 -12.26 -14.69 6.00
N LYS A 158 -10.96 -14.93 5.96
CA LYS A 158 -10.05 -13.87 5.55
C LYS A 158 -9.93 -13.78 4.01
N PHE A 159 -10.14 -14.88 3.30
CA PHE A 159 -10.43 -14.81 1.87
C PHE A 159 -11.71 -14.02 1.66
N GLY A 160 -12.74 -14.39 2.43
CA GLY A 160 -14.05 -13.77 2.26
C GLY A 160 -14.04 -12.26 2.44
N VAL A 161 -13.23 -11.74 3.37
CA VAL A 161 -13.20 -10.30 3.55
C VAL A 161 -12.55 -9.61 2.36
N ILE A 162 -11.70 -10.32 1.61
CA ILE A 162 -11.20 -9.72 0.36
C ILE A 162 -12.33 -9.68 -0.69
N GLY A 163 -13.21 -10.68 -0.69
CA GLY A 163 -14.43 -10.63 -1.49
C GLY A 163 -15.31 -9.44 -1.16
N PHE A 164 -15.53 -9.20 0.13
CA PHE A 164 -16.21 -7.97 0.55
C PHE A 164 -15.50 -6.72 0.00
N THR A 165 -14.19 -6.69 0.16
CA THR A 165 -13.40 -5.51 -0.19
C THR A 165 -13.57 -5.16 -1.66
N LYS A 166 -13.42 -6.14 -2.53
CA LYS A 166 -13.56 -5.87 -3.96
C LYS A 166 -14.99 -5.50 -4.32
N THR A 167 -15.96 -6.16 -3.71
CA THR A 167 -17.35 -5.88 -4.02
C THR A 167 -17.76 -4.49 -3.59
N TRP A 168 -17.41 -4.13 -2.36
CA TRP A 168 -17.78 -2.81 -1.82
C TRP A 168 -16.98 -1.71 -2.52
N ALA A 169 -15.74 -1.99 -2.90
CA ALA A 169 -14.98 -1.00 -3.67
C ALA A 169 -15.67 -0.68 -4.99
N ARG A 170 -16.29 -1.68 -5.59
CA ARG A 170 -17.08 -1.51 -6.82
C ARG A 170 -18.36 -0.71 -6.59
N GLU A 171 -19.06 -1.01 -5.50
CA GLU A 171 -20.35 -0.37 -5.23
C GLU A 171 -20.21 1.04 -4.72
N LEU A 172 -19.22 1.24 -3.86
CA LEU A 172 -19.08 2.50 -3.11
C LEU A 172 -18.07 3.48 -3.72
N GLY A 173 -17.10 2.98 -4.48
CA GLY A 173 -16.08 3.81 -5.09
C GLY A 173 -16.65 4.97 -5.89
N PRO A 174 -17.70 4.71 -6.69
CA PRO A 174 -18.25 5.80 -7.50
C PRO A 174 -18.86 6.92 -6.69
N LYS A 175 -19.17 6.65 -5.44
CA LYS A 175 -19.72 7.63 -4.54
C LYS A 175 -18.65 8.29 -3.69
N GLY A 176 -17.38 7.97 -3.94
CA GLY A 176 -16.28 8.60 -3.23
C GLY A 176 -15.77 7.87 -2.01
N VAL A 177 -16.22 6.63 -1.85
CA VAL A 177 -15.90 5.81 -0.68
C VAL A 177 -14.98 4.66 -1.08
N ARG A 178 -13.76 4.65 -0.55
CA ARG A 178 -12.79 3.62 -0.85
C ARG A 178 -12.88 2.47 0.13
N VAL A 179 -12.59 1.27 -0.35
CA VAL A 179 -12.61 0.08 0.48
C VAL A 179 -11.34 -0.73 0.18
N ASN A 180 -10.55 -1.03 1.19
CA ASN A 180 -9.29 -1.75 1.03
C ASN A 180 -9.09 -2.71 2.17
N ALA A 181 -8.15 -3.63 2.00
CA ALA A 181 -7.84 -4.63 3.02
C ALA A 181 -6.34 -4.66 3.26
N VAL A 182 -5.97 -5.09 4.46
CA VAL A 182 -4.58 -5.35 4.81
C VAL A 182 -4.47 -6.81 5.18
N CYS A 183 -3.39 -7.45 4.71
CA CYS A 183 -3.14 -8.85 4.96
C CYS A 183 -1.86 -9.03 5.77
N PRO A 184 -1.96 -8.89 7.09
CA PRO A 184 -0.72 -9.05 7.87
C PRO A 184 -0.18 -10.46 7.89
N GLY A 185 1.14 -10.56 8.06
CA GLY A 185 1.75 -11.83 8.36
C GLY A 185 1.84 -12.03 9.85
N PHE A 186 3.04 -12.34 10.32
CA PHE A 186 3.25 -12.65 11.72
C PHE A 186 3.60 -11.40 12.52
N VAL A 187 2.72 -11.06 13.46
CA VAL A 187 2.81 -9.81 14.22
C VAL A 187 3.01 -10.12 15.69
N ASN A 188 3.97 -9.42 16.27
CA ASN A 188 4.32 -9.59 17.68
C ASN A 188 3.30 -8.87 18.57
N THR A 189 2.11 -9.46 18.65
CA THR A 189 1.08 -9.01 19.59
C THR A 189 1.06 -9.96 20.78
N GLU A 190 0.12 -9.72 21.70
CA GLU A 190 0.03 -10.51 22.93
C GLU A 190 -0.25 -12.00 22.69
N ILE A 191 -0.76 -12.35 21.51
CA ILE A 191 -1.15 -13.74 21.24
C ILE A 191 0.07 -14.64 20.99
N LEU A 192 1.26 -14.04 20.91
CA LEU A 192 2.48 -14.78 20.56
C LEU A 192 3.40 -15.11 21.75
N GLN A 193 3.25 -14.44 22.87
CA GLN A 193 4.16 -14.65 24.01
C GLN A 193 4.14 -16.11 24.49
N THR A 194 2.97 -16.72 24.46
CA THR A 194 2.80 -18.09 24.94
C THR A 194 3.29 -19.12 23.91
N VAL A 195 3.44 -18.70 22.66
CA VAL A 195 3.86 -19.60 21.58
C VAL A 195 5.32 -20.09 21.75
N PRO A 196 5.56 -21.40 21.48
CA PRO A 196 6.91 -21.96 21.61
C PRO A 196 7.94 -21.28 20.72
N ASP A 197 9.19 -21.25 21.16
CA ASP A 197 10.27 -20.62 20.39
C ASP A 197 10.49 -21.23 19.03
N LYS A 198 10.38 -22.55 18.92
CA LYS A 198 10.69 -23.21 17.67
C LYS A 198 9.58 -22.97 16.65
N VAL A 199 8.39 -22.61 17.14
CA VAL A 199 7.31 -22.24 16.25
C VAL A 199 7.56 -20.83 15.73
N LEU A 200 8.12 -19.98 16.58
CA LEU A 200 8.40 -18.60 16.21
C LEU A 200 9.63 -18.50 15.31
N ASP A 201 10.55 -19.45 15.45
CA ASP A 201 11.70 -19.54 14.56
C ASP A 201 11.25 -19.93 13.15
N GLY A 202 10.23 -20.77 13.09
CA GLY A 202 9.65 -21.18 11.82
C GLY A 202 8.94 -20.02 11.17
N MET A 203 8.27 -19.21 12.00
CA MET A 203 7.63 -18.00 11.52
C MET A 203 8.66 -17.04 10.95
N THR A 204 9.74 -16.77 11.69
CA THR A 204 10.66 -15.72 11.26
C THR A 204 11.48 -16.18 10.04
N SER A 205 11.81 -17.47 9.98
CA SER A 205 12.58 -18.00 8.86
C SER A 205 11.77 -17.95 7.56
N SER A 206 10.44 -17.97 7.65
CA SER A 206 9.59 -17.94 6.45
C SER A 206 9.32 -16.52 5.98
N CYS A 207 9.76 -15.53 6.75
CA CYS A 207 9.59 -14.11 6.43
C CYS A 207 10.84 -13.61 5.77
N TRP A 208 10.72 -12.91 4.65
CA TRP A 208 11.90 -12.48 3.92
C TRP A 208 12.65 -11.34 4.64
N LEU A 209 12.02 -10.67 5.62
CA LEU A 209 12.73 -9.69 6.45
C LEU A 209 13.30 -10.36 7.71
N ARG A 210 13.00 -11.65 7.88
CA ARG A 210 13.57 -12.47 8.96
C ARG A 210 13.28 -11.92 10.37
N ARG A 211 12.10 -11.34 10.55
CA ARG A 211 11.67 -10.87 11.86
C ARG A 211 10.15 -10.75 11.89
N LEU A 212 9.59 -10.70 13.10
CA LEU A 212 8.16 -10.45 13.27
C LEU A 212 7.87 -8.95 13.10
N ALA A 213 6.65 -8.59 12.72
CA ALA A 213 6.25 -7.18 12.75
C ALA A 213 5.92 -6.72 14.15
N GLU A 214 6.20 -5.45 14.43
CA GLU A 214 5.55 -4.81 15.57
C GLU A 214 4.17 -4.34 15.12
N PRO A 215 3.20 -4.31 16.04
CA PRO A 215 1.85 -3.87 15.67
C PRO A 215 1.81 -2.48 15.02
N ALA A 216 2.68 -1.57 15.43
CA ALA A 216 2.72 -0.24 14.83
C ALA A 216 3.01 -0.30 13.32
N GLU A 217 3.65 -1.36 12.86
CA GLU A 217 4.03 -1.50 11.45
C GLU A 217 2.83 -1.93 10.60
N ILE A 218 1.79 -2.43 11.24
CA ILE A 218 0.52 -2.72 10.56
C ILE A 218 -0.37 -1.47 10.66
N ALA A 219 -0.42 -0.86 11.84
CA ALA A 219 -1.13 0.40 12.06
C ALA A 219 -0.74 1.44 11.02
N SER A 220 0.55 1.51 10.68
CA SER A 220 0.98 2.55 9.76
C SER A 220 0.45 2.32 8.34
N ILE A 221 0.16 1.08 7.99
CA ILE A 221 -0.44 0.76 6.70
C ILE A 221 -1.90 1.18 6.69
N TYR A 222 -2.63 0.89 7.78
CA TYR A 222 -4.00 1.38 7.90
C TYR A 222 -4.03 2.92 7.82
N ALA A 223 -3.05 3.57 8.45
CA ALA A 223 -3.01 5.03 8.48
C ALA A 223 -2.79 5.58 7.08
N PHE A 224 -1.89 4.97 6.32
CA PHE A 224 -1.68 5.33 4.92
C PHE A 224 -3.00 5.17 4.14
N LEU A 225 -3.62 4.01 4.24
CA LEU A 225 -4.82 3.70 3.46
C LEU A 225 -6.00 4.60 3.82
N ALA A 226 -6.04 5.06 5.07
CA ALA A 226 -7.11 5.96 5.48
C ALA A 226 -6.90 7.37 4.93
N SER A 227 -5.64 7.74 4.77
CA SER A 227 -5.27 9.09 4.38
C SER A 227 -5.47 9.35 2.90
N ASP A 228 -5.42 10.63 2.56
CA ASP A 228 -5.57 11.04 1.18
C ASP A 228 -4.38 10.61 0.32
N ASP A 229 -3.28 10.18 0.94
CA ASP A 229 -2.17 9.63 0.17
C ASP A 229 -2.58 8.36 -0.60
N ALA A 230 -3.66 7.73 -0.15
CA ALA A 230 -4.19 6.50 -0.76
C ALA A 230 -5.47 6.78 -1.55
N SER A 231 -5.62 8.02 -2.03
CA SER A 231 -6.85 8.41 -2.68
C SER A 231 -7.15 7.65 -3.98
N TYR A 232 -6.16 7.05 -4.62
CA TYR A 232 -6.38 6.24 -5.83
C TYR A 232 -6.12 4.76 -5.59
N VAL A 233 -6.17 4.37 -4.31
CA VAL A 233 -6.04 2.96 -3.91
C VAL A 233 -7.42 2.51 -3.45
N ASN A 234 -8.02 1.61 -4.21
CA ASN A 234 -9.38 1.18 -3.94
C ASN A 234 -9.52 -0.27 -4.43
N GLY A 235 -10.10 -1.12 -3.59
CA GLY A 235 -10.29 -2.52 -3.95
C GLY A 235 -9.08 -3.43 -3.79
N VAL A 236 -8.08 -2.97 -3.04
CA VAL A 236 -6.81 -3.72 -2.95
C VAL A 236 -6.72 -4.46 -1.63
N ALA A 237 -5.91 -5.52 -1.62
CA ALA A 237 -5.49 -6.18 -0.39
C ALA A 237 -3.98 -6.10 -0.32
N ILE A 238 -3.46 -5.28 0.59
CA ILE A 238 -2.02 -5.07 0.71
C ILE A 238 -1.43 -6.09 1.64
N GLU A 239 -0.50 -6.89 1.14
CA GLU A 239 0.15 -7.88 1.97
C GLU A 239 1.20 -7.18 2.83
N ALA A 240 1.11 -7.42 4.14
CA ALA A 240 1.97 -6.78 5.15
C ALA A 240 2.67 -7.88 5.93
N SER A 241 3.58 -8.58 5.26
CA SER A 241 4.14 -9.81 5.76
C SER A 241 5.66 -9.80 5.77
N GLY A 242 6.27 -8.71 5.30
CA GLY A 242 7.71 -8.68 5.06
C GLY A 242 8.14 -9.54 3.88
N GLY A 243 7.17 -10.09 3.15
CA GLY A 243 7.45 -11.10 2.15
C GLY A 243 7.48 -12.44 2.83
N MET A 244 6.77 -13.42 2.28
CA MET A 244 6.91 -14.72 2.90
C MET A 244 6.58 -15.92 2.05
N SER A 245 7.01 -17.03 2.63
CA SER A 245 6.86 -18.34 2.07
C SER A 245 6.03 -19.18 3.05
N LEU A 246 4.72 -19.02 2.98
CA LEU A 246 3.79 -19.66 3.93
C LEU A 246 3.38 -21.03 3.42
N MET B 1 8.94 15.10 8.84
CA MET B 1 9.32 14.94 7.40
C MET B 1 9.96 13.58 7.19
N LYS B 2 9.17 12.67 6.66
CA LYS B 2 9.46 11.25 6.80
C LYS B 2 10.62 10.74 5.94
N LEU B 3 11.08 11.52 4.95
CA LEU B 3 12.22 11.10 4.13
C LEU B 3 13.41 12.02 4.34
N GLN B 4 13.43 12.73 5.47
CA GLN B 4 14.47 13.74 5.73
C GLN B 4 15.88 13.21 5.54
N GLY B 5 16.59 13.82 4.61
CA GLY B 5 18.00 13.58 4.41
C GLY B 5 18.30 12.31 3.65
N ARG B 6 17.25 11.62 3.21
CA ARG B 6 17.43 10.37 2.48
C ARG B 6 17.66 10.68 1.02
N VAL B 7 18.63 10.00 0.41
CA VAL B 7 19.00 10.22 -0.98
C VAL B 7 18.20 9.30 -1.89
N ALA B 8 17.44 9.92 -2.79
CA ALA B 8 16.52 9.20 -3.66
C ALA B 8 16.85 9.45 -5.12
N ILE B 9 17.11 8.38 -5.85
CA ILE B 9 17.31 8.45 -7.29
C ILE B 9 15.97 8.09 -7.93
N ILE B 10 15.50 8.94 -8.83
CA ILE B 10 14.24 8.69 -9.55
C ILE B 10 14.52 8.76 -11.04
N THR B 11 14.22 7.67 -11.76
CA THR B 11 14.34 7.68 -13.21
C THR B 11 13.04 8.14 -13.87
N GLY B 12 13.18 8.71 -15.06
CA GLY B 12 12.04 9.31 -15.74
C GLY B 12 11.44 10.48 -14.98
N ALA B 13 12.28 11.28 -14.35
CA ALA B 13 11.82 12.33 -13.45
C ALA B 13 11.56 13.69 -14.09
N ALA B 14 11.74 13.83 -15.39
CA ALA B 14 11.58 15.14 -16.03
C ALA B 14 10.13 15.59 -16.06
N ALA B 15 9.21 14.62 -16.11
CA ALA B 15 7.79 14.90 -16.26
C ALA B 15 6.96 13.73 -15.71
N GLY B 16 5.64 13.90 -15.72
CA GLY B 16 4.75 12.81 -15.41
C GLY B 16 4.82 12.32 -13.98
N ILE B 17 4.63 11.03 -13.78
CA ILE B 17 4.68 10.44 -12.45
C ILE B 17 6.06 10.63 -11.83
N GLY B 18 7.11 10.49 -12.64
CA GLY B 18 8.46 10.65 -12.13
C GLY B 18 8.69 12.01 -11.52
N PHE B 19 8.30 13.07 -12.25
CA PHE B 19 8.41 14.40 -11.69
C PHE B 19 7.54 14.61 -10.46
N ALA B 20 6.31 14.11 -10.49
CA ALA B 20 5.44 14.25 -9.33
C ALA B 20 6.04 13.57 -8.10
N THR B 21 6.73 12.45 -8.34
CA THR B 21 7.39 11.71 -7.27
C THR B 21 8.60 12.48 -6.72
N ALA B 22 9.36 13.09 -7.62
CA ALA B 22 10.48 13.95 -7.21
C ALA B 22 9.98 15.09 -6.33
N GLN B 23 8.87 15.71 -6.74
CA GLN B 23 8.32 16.84 -6.01
C GLN B 23 7.86 16.41 -4.62
N ARG B 24 7.16 15.29 -4.55
CA ARG B 24 6.65 14.81 -3.29
C ARG B 24 7.80 14.40 -2.38
N PHE B 25 8.80 13.73 -2.95
CA PHE B 25 9.93 13.29 -2.15
C PHE B 25 10.65 14.50 -1.56
N ALA B 26 10.81 15.55 -2.37
CA ALA B 26 11.46 16.77 -1.89
C ALA B 26 10.61 17.43 -0.78
N GLU B 27 9.30 17.39 -0.91
CA GLU B 27 8.41 17.90 0.13
C GLU B 27 8.56 17.10 1.42
N ASP B 28 8.89 15.82 1.31
CA ASP B 28 9.08 14.96 2.48
C ASP B 28 10.53 15.00 2.98
N GLY B 29 11.32 15.90 2.41
CA GLY B 29 12.67 16.19 2.89
C GLY B 29 13.81 15.39 2.29
N ALA B 30 13.51 14.62 1.25
CA ALA B 30 14.54 13.83 0.61
C ALA B 30 15.52 14.69 -0.18
N ILE B 31 16.73 14.18 -0.31
CA ILE B 31 17.67 14.66 -1.30
C ILE B 31 17.32 13.94 -2.59
N VAL B 32 16.92 14.67 -3.62
CA VAL B 32 16.36 14.03 -4.80
C VAL B 32 17.28 14.16 -5.99
N VAL B 33 17.54 13.02 -6.62
CA VAL B 33 18.36 12.95 -7.83
C VAL B 33 17.42 12.65 -9.01
N LEU B 34 17.18 13.65 -9.83
CA LEU B 34 16.30 13.50 -10.99
C LEU B 34 17.08 13.04 -12.22
N CYS B 35 16.71 11.89 -12.77
CA CYS B 35 17.35 11.31 -13.94
C CYS B 35 16.34 11.20 -15.07
N ASP B 36 16.76 11.50 -16.28
CA ASP B 36 15.89 11.38 -17.43
C ASP B 36 16.71 11.34 -18.71
N VAL B 37 16.17 10.73 -19.75
CA VAL B 37 16.82 10.71 -21.05
C VAL B 37 16.78 12.10 -21.66
N GLN B 38 15.82 12.91 -21.22
CA GLN B 38 15.65 14.28 -21.71
C GLN B 38 16.41 15.29 -20.84
N GLU B 39 17.61 15.66 -21.26
CA GLU B 39 18.50 16.41 -20.39
C GLU B 39 18.01 17.82 -20.06
N ALA B 40 17.67 18.60 -21.09
CA ALA B 40 17.19 19.97 -20.85
C ALA B 40 15.97 19.98 -19.94
N ARG B 41 15.01 19.12 -20.25
CA ARG B 41 13.78 19.07 -19.48
C ARG B 41 14.02 18.66 -18.03
N VAL B 42 14.92 17.71 -17.79
CA VAL B 42 15.11 17.27 -16.40
C VAL B 42 15.90 18.32 -15.60
N ARG B 43 16.78 19.08 -16.25
CA ARG B 43 17.46 20.15 -15.56
C ARG B 43 16.47 21.27 -15.20
N GLU B 44 15.50 21.53 -16.07
CA GLU B 44 14.45 22.51 -15.75
C GLU B 44 13.61 22.03 -14.58
N ALA B 45 13.28 20.75 -14.58
CA ALA B 45 12.50 20.16 -13.50
C ALA B 45 13.22 20.32 -12.17
N ALA B 46 14.51 19.98 -12.16
CA ALA B 46 15.33 20.05 -10.96
C ALA B 46 15.40 21.50 -10.49
N ALA B 47 15.55 22.40 -11.45
CA ALA B 47 15.63 23.82 -11.13
C ALA B 47 14.37 24.31 -10.43
N ARG B 48 13.21 23.80 -10.84
CA ARG B 48 11.98 24.19 -10.18
C ARG B 48 11.95 23.73 -8.73
N LEU B 49 12.46 22.54 -8.45
CA LEU B 49 12.47 22.04 -7.09
C LEU B 49 13.53 22.74 -6.23
N ALA B 50 14.67 23.07 -6.84
CA ALA B 50 15.74 23.74 -6.11
C ALA B 50 15.26 25.11 -5.60
N ALA B 51 14.37 25.73 -6.34
CA ALA B 51 13.87 27.06 -5.99
C ALA B 51 13.04 27.02 -4.72
N THR B 52 12.51 25.85 -4.40
CA THR B 52 11.71 25.67 -3.19
C THR B 52 12.59 25.50 -1.96
N GLY B 53 13.90 25.38 -2.18
CA GLY B 53 14.83 25.15 -1.09
C GLY B 53 15.28 23.71 -0.96
N ALA B 54 14.69 22.82 -1.75
CA ALA B 54 15.09 21.42 -1.72
C ALA B 54 16.50 21.21 -2.25
N THR B 55 17.15 20.17 -1.74
CA THR B 55 18.44 19.71 -2.25
C THR B 55 18.25 18.71 -3.36
N VAL B 56 18.57 19.11 -4.59
CA VAL B 56 18.33 18.27 -5.76
C VAL B 56 19.46 18.37 -6.77
N SER B 57 19.54 17.36 -7.63
CA SER B 57 20.49 17.34 -8.73
C SER B 57 19.84 16.65 -9.92
N ALA B 58 20.41 16.86 -11.10
CA ALA B 58 19.84 16.34 -12.32
C ALA B 58 20.92 15.67 -13.16
N TYR B 59 20.57 14.53 -13.76
CA TYR B 59 21.48 13.79 -14.62
C TYR B 59 20.74 13.32 -15.86
N ARG B 60 21.39 13.41 -17.02
CA ARG B 60 20.90 12.73 -18.20
C ARG B 60 21.32 11.27 -18.11
N VAL B 61 20.32 10.38 -18.01
CA VAL B 61 20.59 8.96 -17.97
C VAL B 61 19.61 8.25 -18.91
N ASP B 62 20.18 7.54 -19.87
CA ASP B 62 19.46 6.52 -20.62
C ASP B 62 19.68 5.22 -19.88
N VAL B 63 18.62 4.66 -19.30
CA VAL B 63 18.78 3.51 -18.41
C VAL B 63 19.20 2.24 -19.14
N THR B 64 19.11 2.23 -20.47
CA THR B 64 19.59 1.10 -21.28
C THR B 64 21.11 1.16 -21.50
N ARG B 65 21.74 2.24 -21.08
CA ARG B 65 23.20 2.39 -21.16
C ARG B 65 23.81 2.27 -19.78
N ARG B 66 24.36 1.11 -19.47
CA ARG B 66 24.81 0.86 -18.11
C ARG B 66 25.94 1.83 -17.73
N ASP B 67 26.71 2.28 -18.70
CA ASP B 67 27.80 3.19 -18.37
C ASP B 67 27.22 4.51 -17.86
N GLU B 68 26.09 4.96 -18.40
CA GLU B 68 25.48 6.21 -17.93
C GLU B 68 24.88 6.04 -16.54
N VAL B 69 24.25 4.89 -16.32
CA VAL B 69 23.73 4.54 -15.00
C VAL B 69 24.84 4.53 -13.96
N ASP B 70 25.91 3.79 -14.24
CA ASP B 70 27.07 3.70 -13.35
C ASP B 70 27.68 5.07 -13.05
N ALA B 71 27.84 5.92 -14.08
CA ALA B 71 28.43 7.25 -13.90
C ALA B 71 27.57 8.13 -12.99
N MET B 72 26.25 8.05 -13.16
CA MET B 72 25.34 8.78 -12.30
C MET B 72 25.44 8.29 -10.86
N VAL B 73 25.47 6.97 -10.64
CA VAL B 73 25.48 6.46 -9.28
C VAL B 73 26.79 6.88 -8.59
N ALA B 74 27.89 6.82 -9.32
CA ALA B 74 29.17 7.25 -8.78
C ALA B 74 29.13 8.72 -8.40
N ALA B 75 28.54 9.55 -9.26
CA ALA B 75 28.44 10.98 -9.01
C ALA B 75 27.56 11.26 -7.79
N VAL B 76 26.51 10.47 -7.60
CA VAL B 76 25.63 10.67 -6.46
C VAL B 76 26.35 10.30 -5.16
N LEU B 77 27.12 9.22 -5.18
CA LEU B 77 27.92 8.82 -4.02
C LEU B 77 28.96 9.87 -3.67
N ALA B 78 29.63 10.41 -4.68
CA ALA B 78 30.63 11.47 -4.46
C ALA B 78 29.98 12.66 -3.79
N ALA B 79 28.76 12.98 -4.24
CA ALA B 79 28.05 14.17 -3.74
C ALA B 79 27.35 13.98 -2.39
N HIS B 80 26.73 12.82 -2.15
CA HIS B 80 25.84 12.65 -1.01
C HIS B 80 26.16 11.41 -0.15
N GLN B 81 27.24 10.71 -0.52
CA GLN B 81 27.84 9.65 0.30
C GLN B 81 27.02 8.37 0.41
N ARG B 82 25.77 8.37 -0.06
CA ARG B 82 24.96 7.17 0.03
C ARG B 82 23.77 7.24 -0.91
N VAL B 83 23.16 6.08 -1.13
CA VAL B 83 21.89 5.99 -1.85
C VAL B 83 20.89 5.24 -0.97
N ASP B 84 19.75 5.88 -0.68
CA ASP B 84 18.78 5.30 0.24
C ASP B 84 17.57 4.73 -0.47
N ILE B 85 17.20 5.36 -1.60
CA ILE B 85 15.98 5.00 -2.29
C ILE B 85 16.21 5.04 -3.80
N LEU B 86 15.69 4.04 -4.51
CA LEU B 86 15.65 4.06 -5.96
C LEU B 86 14.23 3.89 -6.43
N VAL B 87 13.76 4.81 -7.29
CA VAL B 87 12.45 4.65 -7.94
C VAL B 87 12.67 4.42 -9.42
N ASN B 88 12.42 3.19 -9.84
CA ASN B 88 12.58 2.78 -11.23
C ASN B 88 11.32 3.08 -12.04
N ASN B 89 11.17 4.34 -12.42
CA ASN B 89 9.93 4.81 -13.03
C ASN B 89 9.98 4.95 -14.55
N ALA B 90 11.19 5.18 -15.11
CA ALA B 90 11.36 5.36 -16.56
C ALA B 90 10.74 4.17 -17.31
N GLY B 91 9.92 4.46 -18.31
CA GLY B 91 9.31 3.42 -19.10
C GLY B 91 8.90 3.97 -20.43
N ILE B 92 8.63 3.07 -21.39
CA ILE B 92 8.07 3.48 -22.67
C ILE B 92 7.01 2.50 -23.08
N THR B 93 6.16 2.92 -24.02
CA THR B 93 5.23 2.03 -24.69
C THR B 93 5.42 2.15 -26.19
N LYS B 94 5.24 1.02 -26.89
CA LYS B 94 5.19 0.94 -28.32
C LYS B 94 4.15 -0.11 -28.65
N ASP B 95 2.87 0.29 -28.61
CA ASP B 95 1.75 -0.65 -28.69
C ASP B 95 1.47 -1.13 -30.11
N ALA B 96 1.09 -2.40 -30.22
CA ALA B 96 0.62 -3.01 -31.45
C ALA B 96 0.11 -4.39 -31.12
N ARG B 97 -0.94 -4.82 -31.78
CA ARG B 97 -1.43 -6.17 -31.55
C ARG B 97 -0.37 -7.16 -32.06
N LEU B 98 -0.40 -8.37 -31.53
CA LEU B 98 0.60 -9.40 -31.87
C LEU B 98 0.78 -9.55 -33.39
N ALA B 99 -0.31 -9.53 -34.14
CA ALA B 99 -0.25 -9.70 -35.59
C ALA B 99 0.62 -8.64 -36.28
N LYS B 100 0.73 -7.46 -35.68
CA LYS B 100 1.41 -6.33 -36.33
C LYS B 100 2.71 -5.86 -35.68
N MET B 101 2.99 -6.31 -34.46
CA MET B 101 4.11 -5.78 -33.69
C MET B 101 5.44 -6.12 -34.36
N THR B 102 6.30 -5.13 -34.47
CA THR B 102 7.60 -5.38 -35.05
C THR B 102 8.63 -5.79 -34.00
N GLU B 103 9.72 -6.39 -34.47
CA GLU B 103 10.79 -6.72 -33.56
C GLU B 103 11.35 -5.49 -32.84
N ALA B 104 11.50 -4.37 -33.55
CA ALA B 104 12.02 -3.17 -32.94
C ALA B 104 11.09 -2.64 -31.84
N GLN B 105 9.78 -2.71 -32.07
CA GLN B 105 8.82 -2.28 -31.03
C GLN B 105 8.96 -3.14 -29.79
N PHE B 106 9.06 -4.44 -30.01
CA PHE B 106 9.22 -5.38 -28.91
C PHE B 106 10.50 -5.07 -28.14
N ASP B 107 11.62 -5.03 -28.86
CA ASP B 107 12.93 -4.85 -28.24
C ASP B 107 13.06 -3.55 -27.46
N ALA B 108 12.53 -2.47 -28.02
CA ALA B 108 12.70 -1.15 -27.39
C ALA B 108 12.07 -1.15 -26.02
N VAL B 109 10.88 -1.72 -25.92
CA VAL B 109 10.14 -1.71 -24.67
C VAL B 109 10.78 -2.64 -23.64
N ILE B 110 11.19 -3.82 -24.05
CA ILE B 110 11.91 -4.73 -23.15
C ILE B 110 13.21 -4.08 -22.65
N ASP B 111 13.90 -3.35 -23.54
CA ASP B 111 15.17 -2.71 -23.18
C ASP B 111 14.97 -1.69 -22.06
N VAL B 112 14.04 -0.76 -22.23
CA VAL B 112 13.86 0.26 -21.21
C VAL B 112 13.24 -0.33 -19.96
N ASN B 113 12.18 -1.10 -20.16
CA ASN B 113 11.30 -1.44 -19.03
C ASN B 113 11.76 -2.64 -18.21
N LEU B 114 12.59 -3.51 -18.80
CA LEU B 114 13.20 -4.61 -18.05
C LEU B 114 14.71 -4.42 -17.86
N LYS B 115 15.46 -4.28 -18.94
CA LYS B 115 16.92 -4.14 -18.85
C LYS B 115 17.30 -2.87 -18.07
N GLY B 116 16.57 -1.77 -18.32
CA GLY B 116 16.83 -0.51 -17.65
C GLY B 116 16.64 -0.62 -16.15
N VAL B 117 15.55 -1.28 -15.75
CA VAL B 117 15.24 -1.49 -14.34
C VAL B 117 16.29 -2.38 -13.67
N PHE B 118 16.68 -3.43 -14.36
CA PHE B 118 17.79 -4.29 -13.92
C PHE B 118 19.08 -3.49 -13.74
N ASN B 119 19.41 -2.65 -14.73
CA ASN B 119 20.65 -1.89 -14.65
C ASN B 119 20.68 -1.01 -13.41
N CYS B 120 19.61 -0.28 -13.17
CA CYS B 120 19.59 0.68 -12.07
C CYS B 120 19.58 -0.03 -10.73
N ALA B 121 18.78 -1.09 -10.61
CA ALA B 121 18.71 -1.84 -9.36
C ALA B 121 20.04 -2.52 -9.07
N GLN B 122 20.66 -3.11 -10.08
CA GLN B 122 21.93 -3.79 -9.84
C GLN B 122 22.99 -2.80 -9.40
N ALA B 123 22.94 -1.60 -9.97
CA ALA B 123 23.93 -0.58 -9.67
C ALA B 123 23.84 -0.05 -8.24
N VAL B 124 22.66 -0.11 -7.61
CA VAL B 124 22.51 0.45 -6.24
C VAL B 124 22.32 -0.59 -5.15
N ALA B 125 21.95 -1.82 -5.49
CA ALA B 125 21.51 -2.78 -4.48
C ALA B 125 22.65 -3.15 -3.50
N GLY B 126 23.87 -3.23 -4.00
CA GLY B 126 25.01 -3.54 -3.16
C GLY B 126 25.32 -2.41 -2.18
N LEU B 127 25.15 -1.18 -2.60
CA LEU B 127 25.30 -0.04 -1.71
C LEU B 127 24.31 -0.12 -0.55
N MET B 128 23.08 -0.52 -0.88
CA MET B 128 22.01 -0.60 0.10
C MET B 128 22.22 -1.77 1.09
N THR B 129 22.60 -2.95 0.61
CA THR B 129 22.77 -4.07 1.53
C THR B 129 23.98 -3.82 2.42
N GLU B 130 24.99 -3.14 1.90
CA GLU B 130 26.20 -2.85 2.67
C GLU B 130 25.89 -1.91 3.82
N GLN B 131 25.01 -0.93 3.60
CA GLN B 131 24.64 -0.04 4.68
C GLN B 131 23.50 -0.59 5.55
N GLY B 132 22.92 -1.71 5.15
CA GLY B 132 21.90 -2.35 5.96
C GLY B 132 20.50 -1.73 5.89
N LYS B 133 20.29 -0.83 4.93
CA LYS B 133 18.97 -0.22 4.73
C LYS B 133 18.87 0.35 3.33
N GLY B 134 17.73 0.17 2.69
CA GLY B 134 17.49 0.79 1.41
C GLY B 134 16.11 0.37 0.95
N VAL B 135 15.62 1.01 -0.11
CA VAL B 135 14.37 0.58 -0.70
C VAL B 135 14.43 0.82 -2.20
N ILE B 136 14.00 -0.19 -2.94
CA ILE B 136 13.94 -0.13 -4.39
C ILE B 136 12.47 -0.24 -4.78
N LEU B 137 11.98 0.74 -5.53
CA LEU B 137 10.58 0.78 -5.91
C LEU B 137 10.48 0.73 -7.42
N ASN B 138 9.76 -0.26 -7.91
CA ASN B 138 9.65 -0.53 -9.32
C ASN B 138 8.29 -0.12 -9.87
N ALA B 139 8.29 0.59 -11.00
CA ALA B 139 7.03 0.93 -11.64
C ALA B 139 6.57 -0.23 -12.49
N SER B 140 5.43 -0.79 -12.10
CA SER B 140 4.73 -1.77 -12.91
C SER B 140 3.52 -1.06 -13.52
N SER B 141 2.41 -1.78 -13.65
CA SER B 141 1.19 -1.25 -14.25
C SER B 141 0.07 -2.19 -13.94
N VAL B 142 -1.18 -1.72 -13.98
CA VAL B 142 -2.29 -2.69 -14.00
C VAL B 142 -2.15 -3.70 -15.12
N VAL B 143 -1.49 -3.32 -16.22
CA VAL B 143 -1.28 -4.21 -17.35
C VAL B 143 -0.35 -5.37 -16.94
N GLY B 144 0.47 -5.15 -15.91
CA GLY B 144 1.33 -6.16 -15.30
C GLY B 144 0.64 -7.11 -14.35
N LEU B 145 -0.68 -6.92 -14.20
CA LEU B 145 -1.53 -7.82 -13.45
C LEU B 145 -2.50 -8.57 -14.36
N TYR B 146 -3.06 -7.87 -15.36
CA TYR B 146 -4.20 -8.38 -16.12
C TYR B 146 -3.98 -8.50 -17.63
N GLY B 147 -2.84 -8.04 -18.14
CA GLY B 147 -2.64 -7.91 -19.59
C GLY B 147 -3.49 -6.80 -20.18
N ASN B 148 -3.32 -6.54 -21.47
CA ASN B 148 -4.12 -5.56 -22.18
C ASN B 148 -3.92 -5.72 -23.69
N PHE B 149 -5.01 -5.58 -24.44
CA PHE B 149 -4.97 -5.60 -25.89
C PHE B 149 -3.87 -4.67 -26.40
N GLY B 150 -3.06 -5.18 -27.32
CA GLY B 150 -2.07 -4.36 -28.00
C GLY B 150 -0.77 -4.12 -27.22
N GLN B 151 -0.60 -4.78 -26.08
CA GLN B 151 0.54 -4.52 -25.22
C GLN B 151 1.39 -5.76 -24.92
N THR B 152 1.62 -6.58 -25.94
CA THR B 152 2.47 -7.77 -25.80
C THR B 152 3.75 -7.43 -25.06
N ASN B 153 4.43 -6.39 -25.54
CA ASN B 153 5.72 -5.99 -25.01
C ASN B 153 5.61 -5.30 -23.64
N TYR B 154 4.71 -4.33 -23.52
CA TYR B 154 4.52 -3.63 -22.27
C TYR B 154 4.06 -4.56 -21.14
N ALA B 155 3.08 -5.40 -21.44
CA ALA B 155 2.57 -6.33 -20.43
C ALA B 155 3.65 -7.29 -19.97
N ALA B 156 4.41 -7.84 -20.91
CA ALA B 156 5.50 -8.71 -20.53
C ALA B 156 6.48 -7.98 -19.59
N SER B 157 6.81 -6.74 -19.93
CA SER B 157 7.78 -6.01 -19.15
C SER B 157 7.22 -5.66 -17.77
N LYS B 158 5.96 -5.30 -17.65
CA LYS B 158 5.42 -4.87 -16.37
C LYS B 158 5.03 -6.05 -15.46
N PHE B 159 4.67 -7.21 -16.03
CA PHE B 159 4.67 -8.47 -15.30
C PHE B 159 6.10 -8.76 -14.83
N GLY B 160 7.03 -8.63 -15.76
CA GLY B 160 8.42 -8.98 -15.48
C GLY B 160 9.01 -8.18 -14.32
N VAL B 161 8.66 -6.89 -14.19
CA VAL B 161 9.21 -6.12 -13.08
C VAL B 161 8.63 -6.58 -11.73
N ILE B 162 7.45 -7.21 -11.72
CA ILE B 162 6.97 -7.83 -10.48
C ILE B 162 7.82 -9.07 -10.15
N GLY B 163 8.25 -9.80 -11.18
CA GLY B 163 9.21 -10.88 -11.01
C GLY B 163 10.49 -10.39 -10.37
N PHE B 164 11.02 -9.26 -10.86
CA PHE B 164 12.17 -8.62 -10.22
C PHE B 164 11.86 -8.32 -8.76
N THR B 165 10.70 -7.71 -8.55
CA THR B 165 10.33 -7.23 -7.22
C THR B 165 10.34 -8.37 -6.20
N LYS B 166 9.66 -9.47 -6.51
CA LYS B 166 9.60 -10.59 -5.59
C LYS B 166 10.97 -11.24 -5.40
N THR B 167 11.74 -11.36 -6.47
CA THR B 167 13.07 -11.97 -6.37
C THR B 167 14.01 -11.11 -5.52
N TRP B 168 14.04 -9.81 -5.76
CA TRP B 168 14.94 -8.92 -5.03
C TRP B 168 14.48 -8.76 -3.60
N ALA B 169 13.17 -8.79 -3.37
CA ALA B 169 12.65 -8.73 -2.00
C ALA B 169 13.14 -9.93 -1.19
N ARG B 170 13.19 -11.09 -1.83
CA ARG B 170 13.77 -12.30 -1.22
C ARG B 170 15.27 -12.20 -0.98
N GLU B 171 16.02 -11.72 -1.97
CA GLU B 171 17.48 -11.67 -1.86
C GLU B 171 17.95 -10.60 -0.92
N LEU B 172 17.27 -9.45 -0.94
CA LEU B 172 17.78 -8.27 -0.27
C LEU B 172 17.09 -8.02 1.08
N GLY B 173 15.87 -8.54 1.25
CA GLY B 173 15.11 -8.36 2.48
C GLY B 173 15.90 -8.67 3.75
N PRO B 174 16.60 -9.83 3.76
CA PRO B 174 17.34 -10.19 4.99
C PRO B 174 18.42 -9.20 5.36
N LYS B 175 18.88 -8.39 4.42
CA LYS B 175 19.89 -7.37 4.67
C LYS B 175 19.29 -5.98 4.91
N GLY B 176 17.99 -5.91 5.14
CA GLY B 176 17.33 -4.67 5.47
C GLY B 176 16.91 -3.82 4.27
N VAL B 177 16.87 -4.42 3.10
CA VAL B 177 16.52 -3.67 1.89
C VAL B 177 15.19 -4.19 1.37
N ARG B 178 14.22 -3.29 1.25
CA ARG B 178 12.90 -3.65 0.79
C ARG B 178 12.77 -3.34 -0.68
N VAL B 179 12.00 -4.19 -1.37
CA VAL B 179 11.71 -4.01 -2.78
C VAL B 179 10.21 -4.17 -3.01
N ASN B 180 9.59 -3.16 -3.61
CA ASN B 180 8.16 -3.20 -3.87
C ASN B 180 7.87 -2.60 -5.24
N ALA B 181 6.65 -2.84 -5.73
CA ALA B 181 6.21 -2.28 -7.02
C ALA B 181 4.89 -1.54 -6.87
N VAL B 182 4.65 -0.58 -7.74
CA VAL B 182 3.34 0.07 -7.82
C VAL B 182 2.77 -0.22 -9.20
N CYS B 183 1.48 -0.50 -9.27
CA CYS B 183 0.81 -0.82 -10.52
C CYS B 183 -0.27 0.22 -10.84
N PRO B 184 0.12 1.36 -11.41
CA PRO B 184 -0.88 2.40 -11.72
C PRO B 184 -1.86 1.98 -12.81
N GLY B 185 -3.08 2.51 -12.71
CA GLY B 185 -4.03 2.44 -13.78
C GLY B 185 -3.88 3.62 -14.72
N PHE B 186 -4.97 4.31 -14.98
CA PHE B 186 -4.98 5.43 -15.94
C PHE B 186 -4.67 6.72 -15.22
N VAL B 187 -3.54 7.34 -15.58
CA VAL B 187 -3.05 8.51 -14.88
C VAL B 187 -2.98 9.69 -15.85
N ASN B 188 -3.45 10.83 -15.38
CA ASN B 188 -3.59 12.02 -16.20
C ASN B 188 -2.28 12.77 -16.41
N THR B 189 -1.35 12.11 -17.08
CA THR B 189 -0.11 12.74 -17.48
C THR B 189 -0.24 13.19 -18.93
N GLU B 190 0.86 13.72 -19.45
CA GLU B 190 0.89 14.27 -20.80
C GLU B 190 0.47 13.23 -21.84
N ILE B 191 0.78 11.96 -21.60
CA ILE B 191 0.44 10.93 -22.55
C ILE B 191 -1.06 10.85 -22.88
N LEU B 192 -1.93 11.26 -21.94
CA LEU B 192 -3.36 11.20 -22.20
C LEU B 192 -3.94 12.49 -22.82
N GLN B 193 -3.14 13.52 -23.03
CA GLN B 193 -3.76 14.81 -23.37
C GLN B 193 -4.34 14.84 -24.79
N THR B 194 -3.83 13.99 -25.69
CA THR B 194 -4.38 13.87 -27.04
C THR B 194 -5.42 12.77 -27.22
N VAL B 195 -5.73 12.04 -26.15
CA VAL B 195 -6.71 10.96 -26.25
C VAL B 195 -8.12 11.50 -26.41
N PRO B 196 -8.91 10.96 -27.37
CA PRO B 196 -10.24 11.51 -27.54
C PRO B 196 -11.07 11.41 -26.26
N ASP B 197 -11.91 12.41 -26.00
CA ASP B 197 -12.72 12.45 -24.79
C ASP B 197 -13.58 11.21 -24.64
N LYS B 198 -14.16 10.75 -25.73
CA LYS B 198 -15.03 9.57 -25.65
C LYS B 198 -14.23 8.33 -25.27
N VAL B 199 -12.96 8.28 -25.68
CA VAL B 199 -12.07 7.20 -25.27
C VAL B 199 -11.71 7.31 -23.78
N LEU B 200 -11.47 8.53 -23.33
CA LEU B 200 -11.18 8.74 -21.89
C LEU B 200 -12.39 8.37 -21.05
N ASP B 201 -13.59 8.64 -21.58
CA ASP B 201 -14.82 8.30 -20.84
C ASP B 201 -14.95 6.79 -20.66
N GLY B 202 -14.54 6.04 -21.68
CA GLY B 202 -14.55 4.58 -21.59
C GLY B 202 -13.58 4.11 -20.51
N MET B 203 -12.42 4.75 -20.48
CA MET B 203 -11.42 4.44 -19.49
C MET B 203 -11.92 4.73 -18.08
N THR B 204 -12.50 5.91 -17.87
CA THR B 204 -12.93 6.28 -16.53
C THR B 204 -14.16 5.44 -16.11
N SER B 205 -14.97 5.02 -17.07
CA SER B 205 -16.12 4.15 -16.76
C SER B 205 -15.69 2.79 -16.24
N SER B 206 -14.49 2.36 -16.60
CA SER B 206 -13.96 1.05 -16.22
C SER B 206 -13.26 1.14 -14.86
N CYS B 207 -13.09 2.37 -14.37
CA CYS B 207 -12.45 2.65 -13.07
C CYS B 207 -13.51 2.74 -11.98
N TRP B 208 -13.33 2.04 -10.86
CA TRP B 208 -14.36 2.05 -9.82
C TRP B 208 -14.44 3.37 -9.08
N LEU B 209 -13.46 4.26 -9.23
CA LEU B 209 -13.57 5.65 -8.76
C LEU B 209 -14.06 6.63 -9.84
N ARG B 210 -14.18 6.14 -11.06
CA ARG B 210 -14.83 6.89 -12.15
C ARG B 210 -14.10 8.16 -12.51
N ARG B 211 -12.79 8.13 -12.37
CA ARG B 211 -11.95 9.27 -12.72
C ARG B 211 -10.53 8.78 -12.94
N LEU B 212 -9.76 9.56 -13.68
CA LEU B 212 -8.31 9.35 -13.85
C LEU B 212 -7.58 9.82 -12.58
N ALA B 213 -6.43 9.20 -12.32
CA ALA B 213 -5.55 9.66 -11.25
C ALA B 213 -4.80 10.91 -11.66
N GLU B 214 -4.56 11.81 -10.72
CA GLU B 214 -3.52 12.80 -10.93
C GLU B 214 -2.18 12.18 -10.58
N PRO B 215 -1.11 12.63 -11.23
CA PRO B 215 0.20 12.00 -10.98
C PRO B 215 0.62 12.06 -9.49
N ALA B 216 0.22 13.10 -8.79
CA ALA B 216 0.52 13.21 -7.36
C ALA B 216 -0.05 12.03 -6.54
N GLU B 217 -1.09 11.39 -7.05
CA GLU B 217 -1.72 10.26 -6.35
C GLU B 217 -0.95 8.97 -6.52
N ILE B 218 -0.01 8.95 -7.47
CA ILE B 218 0.87 7.82 -7.63
C ILE B 218 2.13 8.13 -6.85
N ALA B 219 2.61 9.36 -6.96
CA ALA B 219 3.74 9.83 -6.16
C ALA B 219 3.55 9.56 -4.65
N SER B 220 2.34 9.76 -4.15
CA SER B 220 2.06 9.59 -2.72
C SER B 220 2.21 8.14 -2.28
N ILE B 221 1.99 7.21 -3.21
CA ILE B 221 2.15 5.79 -2.91
C ILE B 221 3.65 5.45 -2.89
N TYR B 222 4.42 5.96 -3.84
CA TYR B 222 5.86 5.79 -3.75
C TYR B 222 6.42 6.37 -2.45
N ALA B 223 5.91 7.53 -2.05
CA ALA B 223 6.38 8.17 -0.82
C ALA B 223 6.08 7.32 0.40
N PHE B 224 4.88 6.74 0.47
CA PHE B 224 4.57 5.78 1.55
C PHE B 224 5.53 4.61 1.54
N LEU B 225 5.70 3.98 0.38
CA LEU B 225 6.52 2.79 0.30
C LEU B 225 7.99 3.05 0.62
N ALA B 226 8.45 4.26 0.37
CA ALA B 226 9.83 4.61 0.66
C ALA B 226 10.03 4.84 2.15
N SER B 227 8.96 5.27 2.80
CA SER B 227 9.04 5.69 4.19
C SER B 227 9.06 4.51 5.14
N ASP B 228 9.32 4.79 6.42
CA ASP B 228 9.30 3.74 7.44
C ASP B 228 7.88 3.27 7.77
N ASP B 229 6.84 3.96 7.29
CA ASP B 229 5.48 3.48 7.45
C ASP B 229 5.28 2.15 6.71
N ALA B 230 6.13 1.87 5.72
CA ALA B 230 6.07 0.65 4.92
C ALA B 230 7.18 -0.32 5.33
N SER B 231 7.68 -0.19 6.56
CA SER B 231 8.81 -1.02 6.99
C SER B 231 8.53 -2.53 6.98
N TYR B 232 7.26 -2.97 7.01
CA TYR B 232 6.95 -4.39 6.91
C TYR B 232 6.25 -4.74 5.60
N VAL B 233 6.40 -3.85 4.61
CA VAL B 233 5.89 -4.09 3.26
C VAL B 233 7.06 -4.41 2.34
N ASN B 234 7.12 -5.64 1.85
CA ASN B 234 8.25 -6.09 1.08
C ASN B 234 7.78 -7.16 0.11
N GLY B 235 8.18 -7.02 -1.16
CA GLY B 235 7.81 -7.98 -2.19
C GLY B 235 6.40 -7.82 -2.73
N VAL B 236 5.79 -6.65 -2.55
CA VAL B 236 4.40 -6.47 -2.93
C VAL B 236 4.31 -5.63 -4.19
N ALA B 237 3.21 -5.82 -4.92
CA ALA B 237 2.84 -4.97 -6.03
C ALA B 237 1.50 -4.33 -5.65
N ILE B 238 1.52 -3.04 -5.33
CA ILE B 238 0.30 -2.34 -4.92
C ILE B 238 -0.43 -1.78 -6.14
N GLU B 239 -1.67 -2.22 -6.34
CA GLU B 239 -2.46 -1.73 -7.47
C GLU B 239 -2.96 -0.35 -7.14
N ALA B 240 -2.71 0.59 -8.04
CA ALA B 240 -3.09 1.99 -7.88
C ALA B 240 -3.93 2.43 -9.07
N SER B 241 -5.12 1.85 -9.16
CA SER B 241 -5.97 1.95 -10.31
C SER B 241 -7.34 2.48 -9.98
N GLY B 242 -7.59 2.70 -8.70
CA GLY B 242 -8.91 3.08 -8.24
C GLY B 242 -9.89 1.90 -8.25
N GLY B 243 -9.37 0.70 -8.54
CA GLY B 243 -10.20 -0.44 -8.87
C GLY B 243 -10.53 -0.39 -10.35
N MET B 244 -10.34 -1.51 -11.04
CA MET B 244 -10.57 -1.51 -12.46
C MET B 244 -11.12 -2.81 -12.99
N SER B 245 -11.92 -2.67 -14.03
CA SER B 245 -12.42 -3.78 -14.82
C SER B 245 -11.74 -3.73 -16.16
N LEU B 246 -10.51 -4.20 -16.20
CA LEU B 246 -9.68 -4.06 -17.40
C LEU B 246 -9.86 -5.28 -18.30
#